data_8R38
#
_entry.id   8R38
#
_cell.length_a   62.930
_cell.length_b   80.882
_cell.length_c   87.469
_cell.angle_alpha   90.00
_cell.angle_beta   90.00
_cell.angle_gamma   90.00
#
_symmetry.space_group_name_H-M   'P 21 21 21'
#
loop_
_entity.id
_entity.type
_entity.pdbx_description
1 polymer 'BIIG2 Fab, heavy chain'
2 polymer 'BIIG2 Fab, light chain'
3 branched alpha-D-mannopyranose-(1-6)-beta-D-mannopyranose-(1-4)-2-acetamido-2-deoxy-beta-D-glucopyranose-(1-4)-2-acetamido-2-deoxy-beta-D-glucopyranose
4 non-polymer GLYCEROL
5 non-polymer 'CHLORIDE ION'
6 water water
#
loop_
_entity_poly.entity_id
_entity_poly.type
_entity_poly.pdbx_seq_one_letter_code
_entity_poly.pdbx_strand_id
1 'polypeptide(L)'
;(PCA)VQLMESGPGLVQPSETLSLTCTVSGFSLTSYNVHWVRQPPGKGLEWMGVMWSGGSTDYNSTLKSRLSISRDTSQN
QVFLKMNSLQSEDTTTYYCARDRTMGMTT(XRE)FDYWGQGVMVTVSSAQTTAPSVYPLAPGCGDTTSSTVTLGCLVKGY
FPEPVTVTWNSGALSSDVHTFPAVLQSGLYTLTSSVTSSTWPSQTVTCNVAHPASSTKVDKKVERRNG
;
H
2 'polypeptide(L)'
;DVQMTQSPSNLAASPGESVSINCKASKRISKYLAWYQQKPGKANKLLIYSGSTLQSGTPSRFSGSGSGTDFTLTIRNLEP
EDFGLYYCQQHKEYPPTFGAGTKLELKRADAAPTVSIFPPSTEQLATGGASVVCLMNNFYPRDISVKWKIDGTERRDGVL
DSVTDQDSKDSTYSMSSTLSLTKADYESHNLYTCEVVH(MLZ)TSSSPVVKSFNRNEC
;
L
#
loop_
_chem_comp.id
_chem_comp.type
_chem_comp.name
_chem_comp.formula
BMA D-saccharide, beta linking beta-D-mannopyranose 'C6 H12 O6'
CL non-polymer 'CHLORIDE ION' 'Cl -1'
GOL non-polymer GLYCEROL 'C3 H8 O3'
MAN D-saccharide, alpha linking alpha-D-mannopyranose 'C6 H12 O6'
NAG D-saccharide, beta linking 2-acetamido-2-deoxy-beta-D-glucopyranose 'C8 H15 N O6'
#
# COMPACT_ATOMS: atom_id res chain seq x y z
N PCA A 1 13.25 5.75 -22.87
CA PCA A 1 13.69 5.80 -21.50
CB PCA A 1 12.48 6.37 -20.75
CG PCA A 1 11.32 6.18 -21.70
CD PCA A 1 11.94 5.92 -23.05
OE PCA A 1 11.35 5.85 -24.14
C PCA A 1 14.02 4.37 -20.97
O PCA A 1 13.54 3.41 -21.54
N VAL A 2 14.84 4.48 -19.84
CA VAL A 2 15.12 3.17 -19.20
C VAL A 2 13.87 2.71 -18.43
N GLN A 3 13.58 1.42 -18.55
N GLN A 3 13.51 1.44 -18.54
CA GLN A 3 12.43 0.77 -17.86
CA GLN A 3 12.38 0.89 -17.76
C GLN A 3 12.81 -0.63 -17.39
C GLN A 3 12.68 -0.57 -17.43
N LEU A 4 12.33 -0.98 -16.19
CA LEU A 4 12.36 -2.36 -15.71
C LEU A 4 10.95 -2.65 -15.20
N MET A 5 10.50 -3.88 -15.49
N MET A 5 10.41 -3.82 -15.51
CA MET A 5 9.10 -4.31 -15.18
CA MET A 5 9.05 -4.15 -15.02
C MET A 5 9.13 -5.74 -14.63
C MET A 5 9.00 -5.63 -14.65
N GLU A 6 8.72 -5.88 -13.37
CA GLU A 6 8.61 -7.23 -12.79
C GLU A 6 7.27 -7.84 -13.16
N SER A 7 7.27 -9.12 -13.35
CA SER A 7 6.02 -9.90 -13.50
C SER A 7 6.21 -11.23 -12.82
N GLY A 8 5.07 -11.77 -12.35
CA GLY A 8 5.03 -13.13 -11.87
C GLY A 8 3.64 -13.45 -11.34
N PRO A 9 3.45 -14.62 -10.71
CA PRO A 9 2.16 -15.03 -10.23
C PRO A 9 1.81 -14.16 -9.02
N GLY A 10 0.55 -13.83 -8.88
CA GLY A 10 0.16 -13.17 -7.67
C GLY A 10 -0.02 -14.14 -6.50
N LEU A 11 -0.16 -15.44 -6.79
CA LEU A 11 -0.36 -16.41 -5.74
C LEU A 11 0.46 -17.69 -6.04
N VAL A 12 1.25 -18.07 -5.08
N VAL A 12 1.13 -18.20 -4.98
CA VAL A 12 1.82 -19.38 -5.15
CA VAL A 12 2.02 -19.38 -5.00
C VAL A 12 1.42 -20.10 -3.89
C VAL A 12 1.93 -20.20 -3.71
N GLN A 13 1.63 -21.40 -3.97
N GLN A 13 2.08 -21.54 -3.76
CA GLN A 13 1.36 -22.30 -2.89
CA GLN A 13 1.90 -22.38 -2.58
C GLN A 13 2.68 -22.61 -2.22
C GLN A 13 3.32 -22.61 -2.02
N PRO A 14 2.71 -22.91 -0.91
N PRO A 14 3.51 -22.94 -0.72
CA PRO A 14 3.95 -23.35 -0.28
CA PRO A 14 4.83 -23.02 -0.09
C PRO A 14 4.64 -24.41 -1.13
C PRO A 14 5.87 -23.99 -0.63
N SER A 15 5.91 -24.14 -1.47
N SER A 15 5.44 -25.14 -1.16
CA SER A 15 6.84 -25.10 -2.06
CA SER A 15 6.34 -26.13 -1.71
C SER A 15 6.72 -25.18 -3.58
C SER A 15 6.44 -25.94 -3.22
N GLU A 16 5.76 -24.46 -4.19
N GLU A 16 5.97 -24.79 -3.67
CA GLU A 16 5.76 -24.20 -5.62
CA GLU A 16 6.07 -24.43 -5.07
C GLU A 16 6.98 -23.36 -5.94
C GLU A 16 7.29 -23.54 -5.25
N THR A 17 7.57 -23.56 -7.11
N THR A 17 7.89 -23.54 -6.45
CA THR A 17 8.61 -22.67 -7.59
CA THR A 17 8.99 -22.63 -6.74
C THR A 17 7.99 -21.30 -7.91
C THR A 17 8.39 -21.34 -7.32
N LEU A 18 8.62 -20.26 -7.34
N LEU A 18 8.73 -20.19 -6.73
CA LEU A 18 8.25 -18.88 -7.58
CA LEU A 18 8.28 -18.93 -7.33
C LEU A 18 9.21 -18.35 -8.63
C LEU A 18 9.15 -18.58 -8.53
N SER A 19 8.66 -18.20 -9.84
N SER A 19 8.57 -17.98 -9.58
CA SER A 19 9.37 -17.67 -10.98
CA SER A 19 9.31 -17.65 -10.79
C SER A 19 8.94 -16.22 -11.19
C SER A 19 8.98 -16.25 -11.33
N LEU A 20 9.92 -15.31 -11.16
CA LEU A 20 9.72 -13.90 -11.46
C LEU A 20 10.55 -13.53 -12.68
N THR A 21 10.02 -12.58 -13.43
CA THR A 21 10.68 -12.06 -14.60
C THR A 21 10.77 -10.54 -14.44
N CYS A 22 11.94 -10.02 -14.83
CA CYS A 22 12.23 -8.60 -14.94
C CYS A 22 12.48 -8.29 -16.41
N THR A 23 11.52 -7.60 -17.03
CA THR A 23 11.63 -7.28 -18.45
C THR A 23 12.15 -5.85 -18.54
N VAL A 24 13.14 -5.56 -19.39
N VAL A 24 13.24 -5.68 -19.30
CA VAL A 24 13.77 -4.25 -19.36
CA VAL A 24 13.94 -4.42 -19.46
C VAL A 24 13.78 -3.56 -20.72
C VAL A 24 13.69 -3.87 -20.86
N SER A 25 13.81 -2.23 -20.65
N SER A 25 13.83 -2.55 -20.98
CA SER A 25 13.83 -1.42 -21.85
CA SER A 25 13.88 -1.87 -22.26
C SER A 25 14.82 -0.27 -21.72
C SER A 25 14.78 -0.65 -22.14
N GLY A 26 15.35 0.11 -22.90
N GLY A 26 15.45 -0.28 -23.25
CA GLY A 26 16.18 1.29 -22.99
CA GLY A 26 16.16 0.98 -23.37
C GLY A 26 17.66 0.99 -22.75
C GLY A 26 17.58 0.94 -22.81
N PHE A 27 18.05 -0.28 -22.56
CA PHE A 27 19.44 -0.57 -22.30
C PHE A 27 19.71 -2.04 -22.56
N SER A 28 21.00 -2.39 -22.72
CA SER A 28 21.42 -3.77 -22.95
C SER A 28 21.82 -4.45 -21.64
N LEU A 29 21.31 -5.66 -21.42
CA LEU A 29 21.67 -6.50 -20.27
C LEU A 29 23.18 -6.79 -20.25
N THR A 30 23.86 -6.74 -21.41
CA THR A 30 25.30 -7.00 -21.42
C THR A 30 26.12 -5.77 -20.99
N SER A 31 25.42 -4.64 -20.73
CA SER A 31 26.05 -3.40 -20.33
C SER A 31 25.78 -2.96 -18.89
N TYR A 32 24.83 -3.61 -18.23
CA TYR A 32 24.38 -3.20 -16.92
C TYR A 32 24.09 -4.44 -16.07
N ASN A 33 24.21 -4.30 -14.76
CA ASN A 33 23.83 -5.36 -13.84
C ASN A 33 22.36 -5.17 -13.46
N VAL A 34 21.64 -6.28 -13.25
CA VAL A 34 20.27 -6.20 -12.77
C VAL A 34 20.19 -6.99 -11.48
N HIS A 35 19.73 -6.28 -10.43
CA HIS A 35 19.60 -6.85 -9.11
C HIS A 35 18.17 -7.20 -8.76
N TRP A 36 18.03 -8.18 -7.89
CA TRP A 36 16.76 -8.51 -7.25
C TRP A 36 16.81 -8.14 -5.78
N VAL A 37 15.73 -7.49 -5.33
CA VAL A 37 15.59 -6.96 -3.99
C VAL A 37 14.19 -7.35 -3.53
N ARG A 38 14.03 -7.67 -2.26
CA ARG A 38 12.71 -7.94 -1.71
C ARG A 38 12.45 -7.00 -0.54
N GLN A 39 11.15 -6.80 -0.27
CA GLN A 39 10.69 -6.05 0.88
C GLN A 39 9.69 -6.91 1.64
N PRO A 40 10.10 -7.67 2.68
CA PRO A 40 9.16 -8.50 3.44
C PRO A 40 8.15 -7.57 4.12
N PRO A 41 7.03 -8.17 4.59
N PRO A 41 6.87 -7.93 4.31
CA PRO A 41 6.03 -7.47 5.38
CA PRO A 41 5.86 -6.93 4.70
C PRO A 41 6.61 -6.89 6.65
C PRO A 41 6.20 -6.00 5.86
N GLY A 42 6.51 -5.55 6.72
N GLY A 42 6.82 -6.58 6.90
CA GLY A 42 6.84 -4.72 7.87
CA GLY A 42 7.12 -5.84 8.11
C GLY A 42 8.11 -3.91 7.67
C GLY A 42 8.55 -5.33 8.20
N LYS A 43 8.84 -4.23 6.60
N LYS A 43 9.34 -5.55 7.15
CA LYS A 43 10.29 -4.17 6.69
CA LYS A 43 10.76 -5.25 7.23
C LYS A 43 10.90 -3.33 5.58
C LYS A 43 11.22 -4.30 6.11
N GLY A 44 12.22 -3.21 5.71
N GLY A 44 12.55 -4.18 5.95
CA GLY A 44 13.04 -2.56 4.74
CA GLY A 44 13.18 -3.20 5.07
C GLY A 44 13.57 -3.59 3.75
C GLY A 44 13.44 -3.71 3.64
N LEU A 45 14.24 -2.99 2.80
CA LEU A 45 14.70 -3.62 1.57
C LEU A 45 15.80 -4.63 1.89
N GLU A 46 15.81 -5.74 1.17
CA GLU A 46 16.77 -6.80 1.37
C GLU A 46 17.29 -7.27 0.02
N TRP A 47 18.59 -7.19 -0.17
CA TRP A 47 19.21 -7.57 -1.41
C TRP A 47 19.23 -9.08 -1.51
N MET A 48 18.79 -9.58 -2.68
CA MET A 48 18.75 -11.01 -2.88
C MET A 48 19.86 -11.54 -3.78
N GLY A 49 20.16 -10.81 -4.83
CA GLY A 49 21.27 -11.17 -5.70
C GLY A 49 21.33 -10.32 -6.95
N VAL A 50 22.30 -10.66 -7.82
CA VAL A 50 22.58 -9.86 -9.00
C VAL A 50 22.85 -10.75 -10.21
N MET A 51 22.30 -10.29 -11.35
CA MET A 51 22.62 -10.78 -12.68
C MET A 51 23.65 -9.85 -13.30
N TRP A 52 24.93 -10.22 -13.23
CA TRP A 52 25.94 -9.30 -13.69
C TRP A 52 25.95 -9.17 -15.21
N SER A 53 26.41 -8.01 -15.65
CA SER A 53 26.43 -7.72 -17.08
C SER A 53 27.11 -8.80 -17.92
N GLY A 54 28.18 -9.33 -17.39
CA GLY A 54 29.03 -10.29 -18.05
C GLY A 54 28.54 -11.72 -17.95
N GLY A 55 27.45 -11.98 -17.21
CA GLY A 55 26.78 -13.26 -17.24
C GLY A 55 26.91 -14.12 -15.99
N SER A 56 27.76 -13.67 -15.04
CA SER A 56 27.83 -14.36 -13.77
C SER A 56 26.67 -13.93 -12.87
N THR A 57 26.56 -14.62 -11.75
CA THR A 57 25.58 -14.28 -10.72
C THR A 57 26.25 -14.27 -9.35
N ASP A 58 25.71 -13.45 -8.44
CA ASP A 58 26.01 -13.55 -7.03
C ASP A 58 24.70 -13.40 -6.24
N TYR A 59 24.77 -13.88 -4.99
CA TYR A 59 23.59 -14.05 -4.14
C TYR A 59 23.90 -13.53 -2.74
N ASN A 60 22.83 -13.06 -2.08
CA ASN A 60 22.83 -12.94 -0.63
C ASN A 60 23.24 -14.29 -0.04
N SER A 61 24.29 -14.30 0.78
CA SER A 61 24.82 -15.57 1.26
C SER A 61 23.81 -16.36 2.08
N THR A 62 22.90 -15.68 2.77
CA THR A 62 21.93 -16.41 3.59
C THR A 62 20.82 -17.01 2.74
N LEU A 63 20.59 -16.48 1.52
CA LEU A 63 19.52 -16.92 0.64
C LEU A 63 20.03 -17.80 -0.49
N LYS A 64 21.34 -17.87 -0.68
CA LYS A 64 21.96 -18.48 -1.87
C LYS A 64 21.31 -19.83 -2.18
N SER A 65 21.17 -20.68 -1.16
CA SER A 65 20.79 -22.07 -1.40
C SER A 65 19.37 -22.20 -1.96
N ARG A 66 18.58 -21.12 -1.87
N ARG A 66 18.57 -21.12 -1.85
CA ARG A 66 17.19 -21.17 -2.30
CA ARG A 66 17.17 -21.10 -2.27
C ARG A 66 16.90 -20.34 -3.56
C ARG A 66 17.00 -20.54 -3.69
N LEU A 67 17.94 -19.70 -4.13
CA LEU A 67 17.75 -18.81 -5.28
C LEU A 67 18.48 -19.27 -6.52
N SER A 68 17.91 -18.96 -7.67
CA SER A 68 18.59 -19.07 -8.96
C SER A 68 18.27 -17.90 -9.89
N ILE A 69 19.29 -17.11 -10.28
CA ILE A 69 19.13 -15.96 -11.14
C ILE A 69 19.72 -16.31 -12.51
N SER A 70 19.03 -15.86 -13.57
CA SER A 70 19.46 -16.12 -14.93
C SER A 70 18.91 -15.06 -15.86
N ARG A 71 19.18 -15.14 -17.18
CA ARG A 71 18.68 -14.14 -18.08
C ARG A 71 18.56 -14.73 -19.49
N ASP A 72 17.87 -13.94 -20.31
CA ASP A 72 17.78 -14.21 -21.74
C ASP A 72 17.98 -12.88 -22.43
N THR A 73 19.20 -12.65 -22.86
CA THR A 73 19.53 -11.35 -23.45
C THR A 73 18.73 -11.07 -24.71
N SER A 74 18.39 -12.10 -25.49
CA SER A 74 17.63 -11.85 -26.71
C SER A 74 16.23 -11.32 -26.40
N GLN A 75 15.72 -11.58 -25.19
CA GLN A 75 14.36 -11.21 -24.83
C GLN A 75 14.32 -10.08 -23.78
N ASN A 76 15.48 -9.53 -23.43
CA ASN A 76 15.56 -8.43 -22.48
C ASN A 76 14.91 -8.85 -21.16
N GLN A 77 15.19 -10.07 -20.70
CA GLN A 77 14.60 -10.59 -19.47
C GLN A 77 15.69 -11.11 -18.56
N VAL A 78 15.47 -10.86 -17.27
CA VAL A 78 16.21 -11.44 -16.17
C VAL A 78 15.21 -12.17 -15.29
N PHE A 79 15.64 -13.32 -14.76
CA PHE A 79 14.75 -14.19 -14.01
C PHE A 79 15.28 -14.43 -12.61
N LEU A 80 14.33 -14.67 -11.71
CA LEU A 80 14.58 -15.13 -10.37
C LEU A 80 13.67 -16.31 -10.07
N LYS A 81 14.29 -17.44 -9.78
N LYS A 81 14.23 -17.34 -9.41
CA LYS A 81 13.54 -18.63 -9.46
CA LYS A 81 13.49 -18.50 -8.90
C LYS A 81 13.87 -18.97 -8.02
C LYS A 81 13.86 -18.76 -7.43
N MET A 82 12.85 -19.22 -7.23
N MET A 82 12.86 -19.12 -6.62
CA MET A 82 13.07 -19.54 -5.83
CA MET A 82 13.06 -19.23 -5.20
C MET A 82 12.00 -20.48 -5.32
C MET A 82 12.15 -20.33 -4.61
N ASN A 83 12.26 -21.00 -4.13
N ASN A 83 12.75 -21.17 -3.75
CA ASN A 83 11.63 -22.20 -3.60
CA ASN A 83 12.07 -22.23 -3.02
C ASN A 83 11.80 -22.16 -2.09
C ASN A 83 12.09 -21.94 -1.52
N SER A 84 10.85 -22.77 -1.39
N SER A 84 11.70 -22.93 -0.71
CA SER A 84 10.79 -22.77 0.07
CA SER A 84 11.58 -22.71 0.72
C SER A 84 10.22 -21.44 0.57
C SER A 84 10.72 -21.47 0.96
N LEU A 85 9.01 -21.12 0.11
N LEU A 85 9.64 -21.36 0.16
CA LEU A 85 8.35 -19.87 0.48
CA LEU A 85 8.67 -20.27 0.16
C LEU A 85 7.65 -20.04 1.83
C LEU A 85 7.92 -20.17 1.48
N GLN A 86 7.14 -18.91 2.34
N GLN A 86 8.54 -19.75 2.60
CA GLN A 86 6.71 -18.83 3.72
CA GLN A 86 7.83 -20.03 3.84
C GLN A 86 5.20 -18.65 3.73
C GLN A 86 7.86 -18.87 4.85
N SER A 87 4.52 -19.72 4.14
N SER A 87 6.66 -18.45 5.28
CA SER A 87 3.08 -19.69 4.30
CA SER A 87 6.59 -17.35 6.20
C SER A 87 2.64 -18.31 4.76
C SER A 87 6.82 -16.05 5.43
N GLU A 88 1.67 -17.76 4.05
N GLU A 88 6.91 -16.20 4.10
CA GLU A 88 0.95 -16.52 4.37
CA GLU A 88 7.30 -15.09 3.28
C GLU A 88 1.75 -15.23 4.18
C GLU A 88 6.12 -14.58 2.45
N ASP A 89 2.94 -15.31 3.61
N ASP A 89 4.88 -14.92 2.88
CA ASP A 89 3.75 -14.11 3.37
CA ASP A 89 3.67 -14.33 2.34
C ASP A 89 3.21 -13.33 2.17
C ASP A 89 3.81 -12.80 2.31
N THR A 90 3.39 -12.00 2.17
N THR A 90 3.33 -12.19 1.23
CA THR A 90 3.02 -11.14 1.05
CA THR A 90 3.08 -10.75 1.19
C THR A 90 4.16 -10.17 0.69
C THR A 90 4.42 -10.03 1.27
N THR A 91 5.32 -10.74 0.39
N THR A 91 5.41 -10.61 0.59
CA THR A 91 6.49 -9.96 0.04
CA THR A 91 6.59 -9.84 0.24
C THR A 91 6.30 -9.23 -1.30
C THR A 91 6.49 -9.33 -1.21
N THR A 92 7.00 -8.11 -1.42
CA THR A 92 7.14 -7.44 -2.71
C THR A 92 8.58 -7.59 -3.22
N TYR A 93 8.66 -7.92 -4.49
CA TYR A 93 9.94 -8.15 -5.19
C TYR A 93 10.16 -7.13 -6.29
N TYR A 94 11.41 -6.63 -6.34
CA TYR A 94 11.82 -5.59 -7.26
C TYR A 94 13.07 -5.98 -8.03
N CYS A 95 13.17 -5.53 -9.27
CA CYS A 95 14.44 -5.50 -9.98
C CYS A 95 14.92 -4.07 -10.14
N ALA A 96 16.25 -3.93 -10.22
CA ALA A 96 16.86 -2.61 -10.31
C ALA A 96 18.19 -2.73 -11.03
N ARG A 97 18.59 -1.61 -11.64
CA ARG A 97 19.78 -1.58 -12.50
C ARG A 97 20.92 -0.78 -11.85
N ASP A 98 22.17 -1.26 -12.03
CA ASP A 98 23.35 -0.44 -11.78
C ASP A 98 24.48 -0.76 -12.78
N ARG A 99 25.62 -0.08 -12.61
N ARG A 99 25.63 -0.09 -12.62
CA ARG A 99 26.82 -0.39 -13.37
CA ARG A 99 26.77 -0.18 -13.54
C ARG A 99 28.05 0.01 -12.58
C ARG A 99 28.05 0.21 -12.81
N THR A 100 29.18 -0.51 -13.03
CA THR A 100 30.46 0.01 -12.56
C THR A 100 31.34 0.37 -13.74
N MET A 101 31.71 1.68 -13.85
CA MET A 101 32.69 2.15 -14.80
C MET A 101 33.86 2.72 -13.99
N GLY A 102 33.99 4.04 -13.85
CA GLY A 102 35.00 4.58 -12.95
C GLY A 102 34.64 4.32 -11.50
N MET A 103 33.34 4.19 -11.25
CA MET A 103 32.84 3.95 -9.92
C MET A 103 31.58 3.13 -10.10
N THR A 104 31.02 2.66 -8.98
CA THR A 104 29.77 1.92 -8.98
C THR A 104 28.63 2.91 -8.81
N THR A 105 27.71 2.95 -9.77
CA THR A 105 26.54 3.81 -9.57
C THR A 105 25.68 3.19 -8.46
CB XRE A 106 23.25 4.47 -6.18
CG XRE A 106 23.33 5.62 -7.15
CD XRE A 106 24.67 5.44 -7.74
N XRE A 106 24.86 4.00 -7.80
CA XRE A 106 23.75 3.35 -7.06
C XRE A 106 22.79 2.82 -8.13
O XRE A 106 22.97 2.92 -9.38
OD XRE A 106 24.62 6.05 -9.01
N PHE A 107 21.72 2.20 -7.57
CA PHE A 107 20.69 1.75 -8.52
C PHE A 107 20.01 2.94 -9.17
N ASP A 108 20.21 3.16 -10.47
N ASP A 108 20.14 3.15 -10.48
CA ASP A 108 19.66 4.34 -11.10
CA ASP A 108 19.62 4.38 -11.07
C ASP A 108 18.21 4.22 -11.55
C ASP A 108 18.22 4.24 -11.67
N TYR A 109 17.73 3.00 -11.81
CA TYR A 109 16.34 2.75 -12.20
C TYR A 109 15.88 1.49 -11.48
N TRP A 110 14.60 1.53 -11.06
CA TRP A 110 13.92 0.44 -10.42
C TRP A 110 12.67 0.08 -11.21
N GLY A 111 12.23 -1.16 -11.04
CA GLY A 111 10.86 -1.51 -11.35
C GLY A 111 9.90 -1.09 -10.23
N GLN A 112 8.57 -1.18 -10.46
N GLN A 112 8.60 -1.13 -10.63
CA GLN A 112 7.62 -0.77 -9.44
CA GLN A 112 7.43 -0.79 -9.83
C GLN A 112 7.31 -1.88 -8.43
C GLN A 112 7.29 -1.80 -8.69
N GLY A 113 7.88 -3.08 -8.65
N GLY A 113 7.48 -3.09 -9.05
CA GLY A 113 7.73 -4.16 -7.70
CA GLY A 113 7.43 -4.20 -8.13
C GLY A 113 6.43 -4.92 -7.94
C GLY A 113 6.33 -5.22 -8.47
N VAL A 114 6.52 -6.23 -7.65
N VAL A 114 6.43 -6.41 -7.85
CA VAL A 114 5.32 -7.05 -7.57
CA VAL A 114 5.36 -7.40 -7.87
C VAL A 114 5.24 -7.75 -6.22
C VAL A 114 5.19 -8.01 -6.46
N MET A 115 4.00 -7.89 -5.81
CA MET A 115 3.66 -8.54 -4.56
C MET A 115 3.23 -9.98 -4.86
N VAL A 116 3.79 -10.91 -4.10
CA VAL A 116 3.40 -12.30 -4.23
C VAL A 116 2.79 -12.78 -2.94
N THR A 117 1.62 -13.40 -3.03
CA THR A 117 0.97 -14.02 -1.88
C THR A 117 1.30 -15.51 -1.84
N VAL A 118 1.70 -16.02 -0.67
CA VAL A 118 2.01 -17.43 -0.49
C VAL A 118 0.93 -18.07 0.35
N SER A 119 0.25 -19.07 -0.22
CA SER A 119 -0.87 -19.66 0.47
C SER A 119 -1.27 -20.96 -0.22
N SER A 120 -1.86 -21.90 0.52
N SER A 120 -1.86 -21.88 0.55
CA SER A 120 -2.46 -23.04 -0.12
CA SER A 120 -2.49 -23.07 -0.01
C SER A 120 -3.97 -22.85 -0.32
C SER A 120 -3.96 -22.82 -0.36
N ALA A 121 -4.50 -21.66 0.01
CA ALA A 121 -5.93 -21.39 -0.17
C ALA A 121 -6.33 -21.26 -1.63
N GLN A 122 -7.63 -21.51 -1.87
CA GLN A 122 -8.21 -21.39 -3.19
C GLN A 122 -8.41 -19.92 -3.51
N THR A 123 -8.44 -19.62 -4.80
N THR A 123 -8.38 -19.59 -4.80
CA THR A 123 -8.89 -18.33 -5.31
CA THR A 123 -8.91 -18.30 -5.20
C THR A 123 -10.40 -18.22 -5.09
C THR A 123 -10.38 -18.28 -4.82
N THR A 124 -10.89 -17.06 -4.59
CA THR A 124 -12.29 -16.87 -4.23
C THR A 124 -12.74 -15.49 -4.68
N ALA A 125 -13.78 -15.47 -5.49
CA ALA A 125 -14.32 -14.20 -5.98
C ALA A 125 -15.13 -13.50 -4.89
N PRO A 126 -15.10 -12.14 -4.86
CA PRO A 126 -15.89 -11.38 -3.90
C PRO A 126 -17.40 -11.38 -4.13
N SER A 127 -18.19 -11.28 -3.05
CA SER A 127 -19.57 -10.84 -3.10
C SER A 127 -19.54 -9.31 -3.01
N VAL A 128 -20.40 -8.61 -3.76
CA VAL A 128 -20.42 -7.16 -3.72
C VAL A 128 -21.79 -6.68 -3.21
N TYR A 129 -21.79 -5.86 -2.13
CA TYR A 129 -22.99 -5.42 -1.45
C TYR A 129 -23.02 -3.90 -1.48
N PRO A 130 -24.23 -3.31 -1.58
CA PRO A 130 -24.36 -1.85 -1.58
C PRO A 130 -24.18 -1.26 -0.18
N LEU A 131 -23.56 -0.07 -0.13
CA LEU A 131 -23.56 0.82 1.02
C LEU A 131 -24.43 2.01 0.69
N ALA A 132 -25.68 1.98 1.20
CA ALA A 132 -26.58 3.10 0.98
C ALA A 132 -27.15 3.53 2.32
N PRO A 133 -27.46 4.82 2.53
N PRO A 133 -27.52 4.81 2.45
CA PRO A 133 -28.10 5.21 3.79
CA PRO A 133 -28.09 5.34 3.69
C PRO A 133 -29.50 4.61 3.81
C PRO A 133 -29.29 4.58 4.24
N GLY A 134 -29.91 4.20 5.01
N GLY A 134 -29.54 4.78 5.55
CA GLY A 134 -31.25 3.67 5.25
CA GLY A 134 -30.60 4.10 6.26
C GLY A 134 -31.65 3.77 6.73
C GLY A 134 -31.95 4.83 6.14
N CYS A 135 -32.79 3.14 7.05
N CYS A 135 -33.01 4.09 6.47
CA CYS A 135 -33.15 2.84 8.43
CA CYS A 135 -34.40 4.54 6.41
C CYS A 135 -33.32 4.16 9.19
C CYS A 135 -34.50 5.95 6.98
N GLY A 136 -33.97 5.11 8.49
N GLY A 136 -34.28 6.04 8.29
CA GLY A 136 -34.38 6.39 9.03
CA GLY A 136 -34.46 7.28 9.03
C GLY A 136 -33.29 7.46 9.05
C GLY A 136 -33.22 8.15 8.97
N ASP A 137 -32.41 7.49 8.06
N ASP A 137 -32.20 7.69 8.23
CA ASP A 137 -31.31 8.47 8.05
CA ASP A 137 -31.05 8.51 7.94
C ASP A 137 -31.57 9.49 6.94
C ASP A 137 -31.45 9.54 6.89
N THR A 138 -31.76 10.76 7.35
CA THR A 138 -32.15 11.84 6.45
C THR A 138 -30.96 12.22 5.55
N THR A 139 -31.26 12.29 4.25
CA THR A 139 -30.26 12.33 3.21
C THR A 139 -29.96 13.79 2.86
N SER A 140 -28.71 14.21 3.14
CA SER A 140 -28.23 15.55 2.85
C SER A 140 -28.07 15.73 1.34
N SER A 141 -27.72 16.95 0.91
CA SER A 141 -27.70 17.25 -0.52
C SER A 141 -26.61 16.42 -1.20
N THR A 142 -25.45 16.30 -0.52
CA THR A 142 -24.40 15.37 -0.94
C THR A 142 -24.45 14.11 -0.07
N VAL A 143 -24.53 12.96 -0.73
CA VAL A 143 -24.66 11.68 -0.03
C VAL A 143 -23.36 10.90 -0.26
N THR A 144 -22.95 10.15 0.78
CA THR A 144 -21.86 9.18 0.62
C THR A 144 -22.44 7.81 0.35
N LEU A 145 -22.07 7.19 -0.78
CA LEU A 145 -22.46 5.83 -1.05
C LEU A 145 -21.20 4.94 -1.13
N GLY A 146 -21.43 3.64 -1.27
CA GLY A 146 -20.29 2.77 -1.44
C GLY A 146 -20.68 1.35 -1.81
N CYS A 147 -19.63 0.53 -1.89
CA CYS A 147 -19.74 -0.90 -2.06
C CYS A 147 -18.80 -1.63 -1.11
N LEU A 148 -19.36 -2.70 -0.52
CA LEU A 148 -18.69 -3.64 0.35
C LEU A 148 -18.29 -4.82 -0.52
N VAL A 149 -16.96 -5.04 -0.64
CA VAL A 149 -16.41 -6.06 -1.51
C VAL A 149 -15.88 -7.17 -0.59
N LYS A 150 -16.69 -8.23 -0.39
CA LYS A 150 -16.46 -9.09 0.74
C LYS A 150 -16.07 -10.49 0.30
N GLY A 151 -15.09 -11.05 1.00
CA GLY A 151 -14.82 -12.48 0.98
C GLY A 151 -14.05 -12.93 -0.27
N TYR A 152 -12.97 -12.22 -0.63
CA TYR A 152 -12.20 -12.58 -1.80
C TYR A 152 -10.79 -13.00 -1.40
N PHE A 153 -10.15 -13.72 -2.34
CA PHE A 153 -8.77 -14.14 -2.13
C PHE A 153 -8.16 -14.53 -3.47
N PRO A 154 -6.90 -14.14 -3.79
CA PRO A 154 -6.02 -13.24 -3.03
C PRO A 154 -6.20 -11.78 -3.47
N GLU A 155 -5.39 -10.89 -2.90
CA GLU A 155 -5.33 -9.52 -3.43
C GLU A 155 -4.76 -9.59 -4.85
N PRO A 156 -4.95 -8.55 -5.70
CA PRO A 156 -5.80 -7.40 -5.38
C PRO A 156 -7.17 -7.36 -6.04
N VAL A 157 -7.97 -6.34 -5.68
N VAL A 157 -7.91 -6.27 -5.73
CA VAL A 157 -9.09 -5.94 -6.50
CA VAL A 157 -9.19 -5.93 -6.32
C VAL A 157 -8.85 -4.53 -6.99
C VAL A 157 -9.14 -4.46 -6.75
N THR A 158 -9.70 -4.13 -7.93
CA THR A 158 -9.87 -2.73 -8.31
C THR A 158 -11.35 -2.36 -8.32
N VAL A 159 -11.66 -1.13 -7.89
CA VAL A 159 -13.02 -0.62 -7.90
C VAL A 159 -13.01 0.70 -8.68
N THR A 160 -13.99 0.86 -9.57
CA THR A 160 -14.28 2.12 -10.24
C THR A 160 -15.75 2.39 -10.06
N TRP A 161 -16.13 3.65 -10.33
CA TRP A 161 -17.49 4.09 -10.17
C TRP A 161 -18.09 4.61 -11.48
N ASN A 162 -19.27 4.12 -11.86
CA ASN A 162 -19.83 4.49 -13.16
C ASN A 162 -18.76 4.41 -14.26
N SER A 163 -18.02 3.28 -14.28
CA SER A 163 -17.09 2.89 -15.33
C SER A 163 -15.97 3.91 -15.49
N GLY A 164 -15.68 4.68 -14.42
CA GLY A 164 -14.66 5.72 -14.46
C GLY A 164 -15.26 7.13 -14.50
N ALA A 165 -16.53 7.27 -14.87
CA ALA A 165 -17.12 8.59 -15.05
C ALA A 165 -17.22 9.33 -13.71
N LEU A 166 -17.52 8.59 -12.64
CA LEU A 166 -17.66 9.18 -11.31
C LEU A 166 -16.33 9.03 -10.57
N SER A 167 -15.75 10.18 -10.20
CA SER A 167 -14.53 10.19 -9.40
C SER A 167 -14.57 11.29 -8.33
N SER A 168 -15.77 11.55 -7.79
CA SER A 168 -15.91 12.56 -6.75
C SER A 168 -15.69 11.91 -5.40
N ASP A 169 -14.63 12.32 -4.71
CA ASP A 169 -14.35 11.82 -3.37
C ASP A 169 -14.33 10.30 -3.37
N VAL A 170 -13.65 9.71 -4.36
CA VAL A 170 -13.55 8.25 -4.34
C VAL A 170 -12.50 7.89 -3.29
N HIS A 171 -12.89 6.97 -2.38
CA HIS A 171 -11.93 6.38 -1.47
C HIS A 171 -12.07 4.87 -1.55
N THR A 172 -10.99 4.20 -1.92
CA THR A 172 -10.96 2.74 -1.83
C THR A 172 -9.99 2.34 -0.72
N PHE A 173 -10.51 1.73 0.33
CA PHE A 173 -9.79 1.55 1.58
C PHE A 173 -8.94 0.29 1.48
N PRO A 174 -7.86 0.20 2.28
CA PRO A 174 -7.14 -1.08 2.37
C PRO A 174 -8.00 -2.22 2.84
N ALA A 175 -7.80 -3.38 2.21
CA ALA A 175 -8.56 -4.56 2.57
C ALA A 175 -8.06 -5.08 3.92
N VAL A 176 -8.97 -5.73 4.65
CA VAL A 176 -8.69 -6.40 5.91
C VAL A 176 -8.89 -7.90 5.68
N LEU A 177 -8.10 -8.70 6.41
CA LEU A 177 -8.11 -10.15 6.26
C LEU A 177 -8.77 -10.77 7.46
N GLN A 178 -9.71 -11.68 7.25
N GLN A 178 -9.75 -11.66 7.22
CA GLN A 178 -10.16 -12.47 8.38
CA GLN A 178 -10.38 -12.43 8.28
C GLN A 178 -10.79 -13.76 7.85
C GLN A 178 -10.77 -13.81 7.75
N SER A 179 -10.42 -14.86 8.50
CA SER A 179 -10.83 -16.20 8.13
C SER A 179 -10.34 -16.53 6.71
N GLY A 180 -9.16 -15.98 6.40
CA GLY A 180 -8.48 -16.23 5.15
C GLY A 180 -8.98 -15.46 3.95
N LEU A 181 -9.96 -14.57 4.13
CA LEU A 181 -10.55 -13.85 3.02
C LEU A 181 -10.43 -12.35 3.28
N TYR A 182 -10.28 -11.60 2.20
CA TYR A 182 -10.20 -10.13 2.26
C TYR A 182 -11.59 -9.50 2.11
N THR A 183 -11.74 -8.34 2.76
CA THR A 183 -12.90 -7.50 2.58
C THR A 183 -12.42 -6.06 2.48
N LEU A 184 -13.09 -5.33 1.60
N LEU A 184 -12.92 -5.32 1.48
CA LEU A 184 -12.74 -3.95 1.30
CA LEU A 184 -12.68 -3.89 1.45
C LEU A 184 -14.04 -3.15 1.25
C LEU A 184 -13.96 -3.13 1.15
N THR A 185 -13.92 -1.84 1.48
CA THR A 185 -14.99 -0.93 1.10
C THR A 185 -14.42 0.10 0.13
N SER A 186 -15.32 0.64 -0.67
CA SER A 186 -15.03 1.74 -1.57
C SER A 186 -16.21 2.70 -1.52
N SER A 187 -15.92 3.99 -1.39
CA SER A 187 -16.96 5.00 -1.29
C SER A 187 -16.78 6.11 -2.32
N VAL A 188 -17.92 6.77 -2.61
CA VAL A 188 -17.92 7.92 -3.50
C VAL A 188 -19.04 8.85 -3.01
N THR A 189 -18.99 10.13 -3.40
CA THR A 189 -20.12 11.01 -3.06
C THR A 189 -20.93 11.38 -4.30
N SER A 190 -22.21 11.66 -4.07
CA SER A 190 -23.08 12.15 -5.12
C SER A 190 -24.09 13.14 -4.56
N SER A 191 -24.34 14.18 -5.36
CA SER A 191 -25.35 15.19 -5.12
C SER A 191 -26.61 14.92 -5.95
N THR A 192 -26.57 13.92 -6.83
CA THR A 192 -27.61 13.68 -7.83
C THR A 192 -28.24 12.29 -7.68
N TRP A 193 -27.81 11.51 -6.67
CA TRP A 193 -28.40 10.22 -6.36
C TRP A 193 -29.64 10.48 -5.52
N PRO A 194 -30.73 9.67 -5.60
CA PRO A 194 -30.83 8.53 -6.51
C PRO A 194 -31.38 8.74 -7.92
N SER A 195 -31.82 9.96 -8.23
CA SER A 195 -32.33 10.23 -9.57
C SER A 195 -31.31 9.75 -10.60
N GLN A 196 -30.03 10.02 -10.34
N GLN A 196 -30.03 10.02 -10.36
CA GLN A 196 -28.93 9.57 -11.18
CA GLN A 196 -28.97 9.55 -11.25
C GLN A 196 -28.30 8.34 -10.54
C GLN A 196 -28.26 8.38 -10.57
N THR A 197 -28.02 7.31 -11.36
CA THR A 197 -27.57 6.02 -10.86
C THR A 197 -26.10 6.05 -10.50
N VAL A 198 -25.75 5.30 -9.44
CA VAL A 198 -24.37 5.17 -8.98
C VAL A 198 -24.04 3.68 -8.90
N THR A 199 -23.04 3.26 -9.69
CA THR A 199 -22.71 1.83 -9.82
C THR A 199 -21.22 1.60 -9.57
N CYS A 200 -20.86 0.66 -8.69
CA CYS A 200 -19.45 0.32 -8.56
C CYS A 200 -19.12 -0.85 -9.48
N ASN A 201 -17.94 -0.78 -10.11
CA ASN A 201 -17.43 -1.83 -10.98
C ASN A 201 -16.27 -2.50 -10.27
N VAL A 202 -16.40 -3.80 -9.95
CA VAL A 202 -15.43 -4.48 -9.11
C VAL A 202 -14.78 -5.57 -9.92
N ALA A 203 -13.46 -5.49 -10.09
CA ALA A 203 -12.70 -6.51 -10.78
C ALA A 203 -11.83 -7.28 -9.79
N HIS A 204 -11.81 -8.61 -9.95
CA HIS A 204 -10.93 -9.47 -9.19
C HIS A 204 -10.21 -10.38 -10.16
N PRO A 205 -9.01 -9.94 -10.64
CA PRO A 205 -8.33 -10.61 -11.73
C PRO A 205 -8.09 -12.11 -11.47
N ALA A 206 -7.74 -12.45 -10.23
CA ALA A 206 -7.36 -13.82 -9.88
C ALA A 206 -8.50 -14.79 -10.18
N SER A 207 -9.75 -14.32 -9.99
CA SER A 207 -10.92 -15.15 -10.21
C SER A 207 -11.54 -14.86 -11.58
N SER A 208 -10.85 -14.08 -12.40
CA SER A 208 -11.41 -13.55 -13.64
C SER A 208 -12.85 -13.02 -13.47
N THR A 209 -13.11 -12.21 -12.43
CA THR A 209 -14.45 -11.67 -12.29
C THR A 209 -14.47 -10.15 -12.35
N LYS A 210 -15.55 -9.67 -12.94
CA LYS A 210 -15.88 -8.26 -13.06
C LYS A 210 -17.38 -8.14 -12.82
N VAL A 211 -17.79 -7.47 -11.75
CA VAL A 211 -19.20 -7.40 -11.38
C VAL A 211 -19.56 -5.94 -11.17
N ASP A 212 -20.78 -5.60 -11.60
CA ASP A 212 -21.31 -4.27 -11.35
C ASP A 212 -22.35 -4.39 -10.25
N LYS A 213 -22.34 -3.41 -9.35
N LYS A 213 -22.39 -3.40 -9.35
CA LYS A 213 -23.39 -3.28 -8.37
CA LYS A 213 -23.44 -3.33 -8.36
C LYS A 213 -23.91 -1.85 -8.42
C LYS A 213 -23.96 -1.89 -8.26
N LYS A 214 -25.20 -1.71 -8.74
CA LYS A 214 -25.90 -0.46 -8.68
C LYS A 214 -26.36 -0.23 -7.25
N VAL A 215 -26.07 0.96 -6.72
CA VAL A 215 -26.42 1.27 -5.35
C VAL A 215 -27.71 2.10 -5.38
N GLU A 216 -28.75 1.58 -4.73
CA GLU A 216 -30.04 2.28 -4.70
C GLU A 216 -30.66 2.17 -3.32
N ARG A 217 -31.84 2.79 -3.13
CA ARG A 217 -32.71 2.40 -2.03
C ARG A 217 -31.99 2.58 -0.69
N ASP B 1 29.00 -6.53 5.68
CA ASP B 1 28.09 -5.59 4.97
C ASP B 1 28.17 -4.22 5.67
N VAL B 2 27.78 -3.18 4.94
CA VAL B 2 27.70 -1.86 5.50
C VAL B 2 26.28 -1.67 5.96
N GLN B 3 26.06 -1.61 7.27
CA GLN B 3 24.73 -1.38 7.78
C GLN B 3 24.44 0.13 7.73
N MET B 4 23.30 0.48 7.09
CA MET B 4 22.84 1.87 7.08
C MET B 4 21.71 2.11 8.10
N THR B 5 21.94 3.04 9.01
CA THR B 5 20.95 3.44 9.98
C THR B 5 20.35 4.78 9.55
N GLN B 6 19.06 4.78 9.20
CA GLN B 6 18.42 6.01 8.79
C GLN B 6 17.52 6.52 9.90
N SER B 7 17.44 7.83 10.05
CA SER B 7 16.59 8.49 11.04
C SER B 7 16.13 9.81 10.48
N PRO B 8 14.95 10.27 10.86
CA PRO B 8 13.96 9.48 11.63
C PRO B 8 13.08 8.61 10.75
N SER B 9 12.25 7.75 11.37
N SER B 9 12.12 7.83 11.32
CA SER B 9 11.29 6.97 10.62
CA SER B 9 11.30 6.90 10.53
C SER B 9 10.18 7.87 10.07
C SER B 9 10.06 7.57 9.92
N ASN B 10 9.99 9.04 10.69
N ASN B 10 9.53 8.58 10.61
CA ASN B 10 8.82 9.84 10.35
CA ASN B 10 8.39 9.37 10.15
C ASN B 10 9.11 11.33 10.57
C ASN B 10 8.67 10.85 10.46
N LEU B 11 8.57 12.11 9.65
N LEU B 11 8.21 11.77 9.60
CA LEU B 11 8.54 13.55 9.72
CA LEU B 11 8.33 13.22 9.82
C LEU B 11 7.17 14.03 9.25
C LEU B 11 7.05 13.93 9.34
N ALA B 12 6.80 15.19 9.76
CA ALA B 12 5.64 15.90 9.26
C ALA B 12 6.00 17.36 9.11
N ALA B 13 5.67 17.93 7.94
CA ALA B 13 5.94 19.34 7.72
C ALA B 13 4.92 19.94 6.77
N SER B 14 4.83 21.27 6.74
CA SER B 14 3.95 21.95 5.82
C SER B 14 4.67 22.24 4.51
N PRO B 15 3.90 22.29 3.39
CA PRO B 15 4.45 22.83 2.15
C PRO B 15 5.14 24.14 2.43
N GLY B 16 6.31 24.31 1.79
CA GLY B 16 7.09 25.51 1.98
C GLY B 16 8.16 25.43 3.09
N GLU B 17 8.00 24.48 3.99
CA GLU B 17 8.97 24.21 5.05
C GLU B 17 10.13 23.33 4.57
N SER B 18 11.08 23.12 5.49
N SER B 18 11.11 23.16 5.46
CA SER B 18 12.29 22.34 5.26
CA SER B 18 12.26 22.30 5.21
C SER B 18 12.43 21.19 6.25
C SER B 18 12.30 21.14 6.20
N VAL B 19 12.92 20.04 5.75
CA VAL B 19 13.20 18.88 6.58
C VAL B 19 14.59 18.34 6.23
N SER B 20 15.20 17.58 7.17
CA SER B 20 16.40 16.85 6.84
C SER B 20 16.27 15.42 7.33
N ILE B 21 17.00 14.50 6.69
CA ILE B 21 16.97 13.10 6.98
C ILE B 21 18.40 12.59 7.04
N ASN B 22 18.71 11.82 8.08
CA ASN B 22 20.07 11.37 8.24
C ASN B 22 20.23 9.88 7.91
N CYS B 23 21.38 9.52 7.30
N CYS B 23 21.47 9.54 7.55
CA CYS B 23 21.81 8.13 7.23
CA CYS B 23 21.83 8.19 7.17
C CYS B 23 23.22 8.08 7.83
C CYS B 23 23.24 7.91 7.66
N LYS B 24 23.51 6.96 8.52
N LYS B 24 23.37 6.89 8.53
CA LYS B 24 24.82 6.75 9.12
CA LYS B 24 24.64 6.58 9.14
C LYS B 24 25.26 5.35 8.79
C LYS B 24 25.14 5.27 8.57
N ALA B 25 26.40 5.24 8.10
CA ALA B 25 26.99 3.96 7.70
C ALA B 25 27.78 3.38 8.86
N SER B 26 27.79 2.05 8.96
CA SER B 26 28.51 1.35 10.02
C SER B 26 30.02 1.35 9.83
N LYS B 27 30.47 1.64 8.61
N LYS B 27 30.47 1.74 8.65
CA LYS B 27 31.87 1.85 8.28
CA LYS B 27 31.89 1.90 8.36
C LYS B 27 31.98 3.10 7.41
C LYS B 27 32.01 2.90 7.23
N ARG B 28 33.17 3.70 7.32
N ARG B 28 33.21 3.52 7.14
CA ARG B 28 33.37 4.78 6.38
CA ARG B 28 33.44 4.68 6.31
C ARG B 28 33.20 4.27 4.95
C ARG B 28 33.37 4.35 4.83
N ILE B 29 32.53 5.09 4.11
CA ILE B 29 32.25 4.75 2.72
C ILE B 29 32.51 5.95 1.81
N SER B 30 33.48 6.79 2.20
CA SER B 30 33.79 7.97 1.40
C SER B 30 32.50 8.74 1.08
N LYS B 31 32.30 9.20 -0.17
CA LYS B 31 31.14 9.98 -0.51
C LYS B 31 29.99 9.12 -1.08
N TYR B 32 30.12 7.77 -1.11
CA TYR B 32 29.25 6.96 -1.97
C TYR B 32 27.94 6.55 -1.27
N LEU B 33 27.06 7.55 -1.14
CA LEU B 33 25.74 7.34 -0.58
C LEU B 33 24.75 8.08 -1.46
N ALA B 34 23.64 7.39 -1.78
CA ALA B 34 22.62 7.94 -2.67
C ALA B 34 21.27 7.98 -1.94
N TRP B 35 20.41 8.90 -2.38
CA TRP B 35 19.11 9.12 -1.83
C TRP B 35 18.05 8.90 -2.90
N TYR B 36 16.94 8.27 -2.46
CA TYR B 36 15.81 7.92 -3.33
C TYR B 36 14.48 8.36 -2.75
N GLN B 37 13.51 8.54 -3.64
CA GLN B 37 12.16 8.91 -3.29
C GLN B 37 11.21 7.80 -3.75
N GLN B 38 10.31 7.43 -2.85
CA GLN B 38 9.28 6.42 -3.12
C GLN B 38 7.89 7.06 -3.00
N LYS B 39 7.05 6.78 -3.99
N LYS B 39 7.11 6.91 -4.08
CA LYS B 39 5.73 7.41 -3.99
CA LYS B 39 5.75 7.44 -4.15
C LYS B 39 4.78 6.42 -4.62
C LYS B 39 4.84 6.25 -4.45
N PRO B 40 3.54 6.30 -4.10
CA PRO B 40 2.63 5.25 -4.54
C PRO B 40 2.45 5.38 -6.05
N GLY B 41 2.53 4.24 -6.75
CA GLY B 41 2.29 4.21 -8.18
C GLY B 41 3.51 4.53 -9.02
N LYS B 42 4.67 4.61 -8.36
CA LYS B 42 5.88 5.04 -9.03
C LYS B 42 7.02 4.13 -8.57
N ALA B 43 7.94 3.87 -9.51
CA ALA B 43 9.17 3.18 -9.13
C ALA B 43 10.04 4.10 -8.28
N ASN B 44 10.80 3.51 -7.37
CA ASN B 44 11.76 4.26 -6.56
C ASN B 44 12.66 5.06 -7.51
N LYS B 45 12.88 6.35 -7.14
CA LYS B 45 13.53 7.34 -8.00
C LYS B 45 14.83 7.87 -7.36
N LEU B 46 15.91 7.81 -8.15
N LEU B 46 15.95 7.79 -8.09
CA LEU B 46 17.23 8.29 -7.71
CA LEU B 46 17.18 8.42 -7.64
C LEU B 46 17.24 9.82 -7.74
C LEU B 46 17.02 9.93 -7.70
N LEU B 47 17.50 10.42 -6.56
N LEU B 47 17.53 10.63 -6.67
CA LEU B 47 17.59 11.87 -6.39
CA LEU B 47 17.55 12.08 -6.65
C LEU B 47 19.03 12.40 -6.44
C LEU B 47 18.96 12.64 -6.50
N ILE B 48 19.83 11.91 -5.50
N ILE B 48 19.84 11.90 -5.81
CA ILE B 48 21.21 12.29 -5.29
CA ILE B 48 21.18 12.37 -5.49
C ILE B 48 22.09 11.06 -5.24
C ILE B 48 22.09 11.17 -5.19
N TYR B 49 23.34 11.23 -5.71
CA TYR B 49 24.29 10.15 -5.57
C TYR B 49 25.66 10.76 -5.24
N SER B 50 26.56 9.91 -4.77
CA SER B 50 27.89 10.34 -4.37
C SER B 50 27.75 11.47 -3.34
N GLY B 51 26.78 11.32 -2.45
CA GLY B 51 26.63 12.18 -1.28
C GLY B 51 25.93 13.51 -1.61
N SER B 52 26.38 14.22 -2.66
CA SER B 52 25.93 15.57 -2.94
C SER B 52 25.56 15.87 -4.40
N THR B 53 25.77 14.89 -5.33
CA THR B 53 25.53 15.14 -6.74
C THR B 53 24.08 14.90 -7.10
N LEU B 54 23.38 15.92 -7.62
CA LEU B 54 22.01 15.74 -8.05
C LEU B 54 21.96 14.99 -9.38
N GLN B 55 21.14 13.93 -9.41
N GLN B 55 21.07 14.00 -9.41
CA GLN B 55 20.74 13.36 -10.68
CA GLN B 55 20.69 13.31 -10.63
C GLN B 55 20.18 14.49 -11.53
C GLN B 55 19.95 14.30 -11.52
N SER B 56 20.34 14.31 -12.85
N SER B 56 20.28 14.22 -12.82
CA SER B 56 19.73 15.21 -13.79
CA SER B 56 19.71 15.17 -13.76
C SER B 56 18.21 15.18 -13.57
C SER B 56 18.20 15.16 -13.56
N GLY B 57 17.63 16.37 -13.45
CA GLY B 57 16.20 16.49 -13.25
C GLY B 57 15.78 16.71 -11.79
N THR B 58 16.68 16.46 -10.82
CA THR B 58 16.32 16.69 -9.45
C THR B 58 16.24 18.20 -9.19
N PRO B 59 15.11 18.69 -8.62
CA PRO B 59 15.00 20.12 -8.28
C PRO B 59 15.99 20.60 -7.24
N SER B 60 16.37 21.87 -7.35
CA SER B 60 17.45 22.42 -6.56
C SER B 60 17.16 22.48 -5.08
N ARG B 61 15.89 22.40 -4.69
CA ARG B 61 15.54 22.37 -3.29
C ARG B 61 16.01 21.11 -2.54
N PHE B 62 16.42 20.06 -3.28
CA PHE B 62 17.04 18.88 -2.68
C PHE B 62 18.53 19.11 -2.64
N SER B 63 19.16 18.79 -1.52
CA SER B 63 20.59 18.81 -1.43
C SER B 63 21.09 17.70 -0.50
N GLY B 64 22.35 17.25 -0.68
CA GLY B 64 22.91 16.23 0.16
C GLY B 64 24.30 16.63 0.62
N SER B 65 24.62 16.14 1.81
CA SER B 65 25.94 16.38 2.40
C SER B 65 26.48 15.10 3.02
N GLY B 66 27.80 15.11 3.23
CA GLY B 66 28.45 14.06 4.00
C GLY B 66 29.54 13.28 3.27
N SER B 67 30.47 12.77 4.06
CA SER B 67 31.51 11.88 3.55
C SER B 67 32.05 11.16 4.76
N GLY B 68 32.22 9.86 4.64
CA GLY B 68 32.67 9.04 5.72
C GLY B 68 31.56 8.11 6.18
N THR B 69 31.02 8.42 7.38
CA THR B 69 29.89 7.66 7.89
C THR B 69 28.58 8.45 7.84
N ASP B 70 28.64 9.77 7.96
CA ASP B 70 27.46 10.56 8.23
C ASP B 70 27.00 11.31 6.99
N PHE B 71 25.73 11.10 6.61
CA PHE B 71 25.11 11.75 5.47
C PHE B 71 23.75 12.36 5.86
N THR B 72 23.42 13.47 5.18
CA THR B 72 22.12 14.13 5.39
C THR B 72 21.55 14.59 4.04
N LEU B 73 20.27 14.25 3.84
CA LEU B 73 19.44 14.80 2.77
C LEU B 73 18.63 15.96 3.35
N THR B 74 18.70 17.12 2.69
CA THR B 74 17.88 18.24 3.10
C THR B 74 16.90 18.55 1.96
N ILE B 75 15.64 18.77 2.32
CA ILE B 75 14.64 19.19 1.36
C ILE B 75 14.08 20.51 1.88
N ARG B 76 14.35 21.57 1.12
N ARG B 76 14.33 21.62 1.18
CA ARG B 76 13.81 22.90 1.43
CA ARG B 76 13.77 22.90 1.60
C ARG B 76 12.53 23.18 0.66
C ARG B 76 12.69 23.35 0.62
N ASN B 77 11.81 24.23 1.10
CA ASN B 77 10.72 24.77 0.29
C ASN B 77 9.81 23.64 -0.25
N LEU B 78 9.31 22.80 0.62
CA LEU B 78 8.65 21.57 0.21
C LEU B 78 7.47 21.82 -0.71
N GLU B 79 7.40 21.02 -1.78
CA GLU B 79 6.24 20.92 -2.66
C GLU B 79 5.37 19.77 -2.21
N PRO B 80 4.05 19.82 -2.47
CA PRO B 80 3.20 18.66 -2.24
C PRO B 80 3.78 17.36 -2.79
N GLU B 81 4.34 17.41 -3.99
CA GLU B 81 4.82 16.21 -4.64
C GLU B 81 5.98 15.60 -3.83
N ASP B 82 6.63 16.37 -2.95
CA ASP B 82 7.77 15.84 -2.20
C ASP B 82 7.37 14.95 -1.02
N PHE B 83 6.08 14.92 -0.65
CA PHE B 83 5.61 14.14 0.48
C PHE B 83 5.49 12.68 0.02
N GLY B 84 6.13 11.82 0.78
CA GLY B 84 6.30 10.43 0.40
C GLY B 84 7.42 9.87 1.26
N LEU B 85 8.09 8.82 0.73
CA LEU B 85 9.07 8.14 1.52
C LEU B 85 10.44 8.34 0.89
N TYR B 86 11.47 8.48 1.76
CA TYR B 86 12.83 8.58 1.29
C TYR B 86 13.68 7.50 1.91
N TYR B 87 14.67 7.04 1.13
CA TYR B 87 15.63 6.11 1.70
C TYR B 87 17.00 6.33 1.08
N CYS B 88 18.02 5.85 1.82
CA CYS B 88 19.38 5.92 1.35
C CYS B 88 19.86 4.54 0.94
N GLN B 89 20.80 4.55 0.00
CA GLN B 89 21.52 3.34 -0.44
C GLN B 89 23.00 3.66 -0.52
N GLN B 90 23.87 2.87 0.12
CA GLN B 90 25.28 3.09 -0.14
C GLN B 90 25.64 2.42 -1.46
N HIS B 91 26.61 3.02 -2.16
CA HIS B 91 27.09 2.47 -3.41
C HIS B 91 28.61 2.43 -3.42
N LYS B 92 29.15 2.16 -2.23
CA LYS B 92 30.60 1.95 -2.06
C LYS B 92 30.96 0.50 -2.40
N GLU B 93 30.13 -0.47 -1.96
CA GLU B 93 30.47 -1.88 -2.09
C GLU B 93 29.21 -2.74 -2.13
N TYR B 94 29.36 -3.94 -2.71
CA TYR B 94 28.33 -4.95 -2.63
C TYR B 94 28.53 -5.71 -1.32
N PRO B 95 27.47 -6.23 -0.69
CA PRO B 95 26.11 -6.12 -1.22
C PRO B 95 25.54 -4.72 -1.07
N PRO B 96 24.64 -4.31 -1.99
CA PRO B 96 23.87 -3.10 -1.78
C PRO B 96 23.17 -3.19 -0.44
N THR B 97 23.18 -2.05 0.30
CA THR B 97 22.46 -1.95 1.56
C THR B 97 21.78 -0.58 1.65
N PHE B 98 20.73 -0.60 2.47
CA PHE B 98 19.75 0.46 2.43
C PHE B 98 19.35 0.91 3.82
N GLY B 99 19.01 2.19 3.91
CA GLY B 99 18.33 2.69 5.11
C GLY B 99 16.91 2.16 5.17
N ALA B 100 16.31 2.26 6.38
CA ALA B 100 14.96 1.76 6.60
C ALA B 100 13.82 2.70 6.20
N GLY B 101 14.12 3.91 5.78
CA GLY B 101 13.11 4.78 5.19
C GLY B 101 12.63 5.83 6.18
N THR B 102 12.14 6.92 5.61
CA THR B 102 11.51 7.99 6.34
C THR B 102 10.23 8.33 5.59
N LYS B 103 9.10 8.29 6.29
CA LYS B 103 7.83 8.70 5.71
C LYS B 103 7.56 10.15 6.07
N LEU B 104 7.42 11.05 5.09
CA LEU B 104 7.22 12.47 5.28
C LEU B 104 5.73 12.79 4.99
N GLU B 105 5.04 13.24 6.05
CA GLU B 105 3.63 13.54 6.04
C GLU B 105 3.45 15.01 5.76
N LEU B 106 2.42 15.33 4.95
CA LEU B 106 2.07 16.71 4.62
C LEU B 106 1.14 17.27 5.69
N LYS B 107 1.56 18.31 6.41
N LYS B 107 1.61 18.27 6.44
CA LYS B 107 0.85 18.86 7.53
CA LYS B 107 0.79 18.95 7.41
C LYS B 107 -0.07 19.97 6.99
C LYS B 107 -0.13 19.90 6.67
N ARG B 108 -1.41 19.76 7.01
CA ARG B 108 -2.40 20.68 6.51
C ARG B 108 -3.32 21.09 7.66
N ALA B 109 -4.29 21.94 7.35
CA ALA B 109 -5.20 22.41 8.40
C ALA B 109 -6.04 21.25 8.91
N ASP B 110 -6.52 21.38 10.14
CA ASP B 110 -7.37 20.34 10.68
C ASP B 110 -8.61 20.25 9.82
N ALA B 111 -9.21 19.04 9.72
CA ALA B 111 -10.39 18.78 8.92
C ALA B 111 -11.22 17.72 9.63
N ALA B 112 -12.49 18.04 9.93
CA ALA B 112 -13.32 17.11 10.68
C ALA B 112 -13.83 16.01 9.75
N PRO B 113 -13.92 14.74 10.22
CA PRO B 113 -14.41 13.64 9.37
C PRO B 113 -15.88 13.82 9.03
N THR B 114 -16.22 13.45 7.81
CA THR B 114 -17.60 13.29 7.40
C THR B 114 -17.94 11.85 7.72
N VAL B 115 -18.85 11.65 8.68
CA VAL B 115 -19.16 10.36 9.23
C VAL B 115 -20.47 9.85 8.63
N SER B 116 -20.43 8.62 8.12
CA SER B 116 -21.59 7.97 7.52
C SER B 116 -21.75 6.55 8.08
N ILE B 117 -22.99 6.13 8.44
CA ILE B 117 -23.21 4.76 8.88
C ILE B 117 -24.16 4.09 7.87
N PHE B 118 -23.91 2.80 7.63
CA PHE B 118 -24.62 2.03 6.63
C PHE B 118 -25.09 0.71 7.22
N PRO B 119 -26.42 0.49 7.25
CA PRO B 119 -26.93 -0.82 7.67
C PRO B 119 -26.57 -1.92 6.68
N PRO B 120 -26.58 -3.20 7.12
N PRO B 120 -26.66 -3.21 7.09
CA PRO B 120 -26.51 -4.32 6.19
CA PRO B 120 -26.39 -4.31 6.18
C PRO B 120 -27.47 -4.15 5.02
C PRO B 120 -27.47 -4.37 5.12
N SER B 121 -27.08 -4.72 3.88
CA SER B 121 -27.97 -4.82 2.74
C SER B 121 -28.86 -6.06 2.88
N THR B 122 -30.07 -6.01 2.29
N THR B 122 -30.08 -6.00 2.33
CA THR B 122 -30.95 -7.18 2.29
CA THR B 122 -30.93 -7.18 2.28
C THR B 122 -30.29 -8.29 1.46
C THR B 122 -30.18 -8.28 1.54
N GLU B 123 -29.49 -7.90 0.46
CA GLU B 123 -28.74 -8.88 -0.31
C GLU B 123 -27.80 -9.66 0.59
N GLN B 124 -27.11 -8.99 1.53
CA GLN B 124 -26.18 -9.72 2.36
C GLN B 124 -26.93 -10.53 3.44
N LEU B 125 -28.02 -9.96 3.97
CA LEU B 125 -28.74 -10.68 5.03
C LEU B 125 -29.29 -12.00 4.46
N ALA B 126 -29.57 -12.05 3.15
CA ALA B 126 -30.03 -13.29 2.50
C ALA B 126 -29.05 -14.43 2.78
N THR B 127 -27.76 -14.10 2.97
CA THR B 127 -26.71 -15.08 3.13
C THR B 127 -26.54 -15.50 4.59
N GLY B 128 -27.31 -14.90 5.51
CA GLY B 128 -27.15 -15.24 6.93
C GLY B 128 -26.11 -14.40 7.67
N GLY B 129 -25.49 -13.45 6.97
CA GLY B 129 -24.48 -12.60 7.60
C GLY B 129 -24.88 -11.13 7.51
N ALA B 130 -24.26 -10.33 8.38
CA ALA B 130 -24.49 -8.89 8.44
C ALA B 130 -23.17 -8.14 8.63
N SER B 131 -22.99 -7.06 7.88
CA SER B 131 -21.89 -6.13 8.08
C SER B 131 -22.46 -4.74 8.18
N VAL B 132 -22.13 -4.05 9.30
CA VAL B 132 -22.48 -2.65 9.49
C VAL B 132 -21.20 -1.82 9.28
N VAL B 133 -21.30 -0.75 8.47
CA VAL B 133 -20.11 0.00 8.07
C VAL B 133 -20.26 1.44 8.57
N CYS B 134 -19.13 1.98 9.03
N CYS B 134 -19.20 1.97 9.18
CA CYS B 134 -19.00 3.37 9.44
CA CYS B 134 -19.07 3.42 9.32
C CYS B 134 -17.80 3.96 8.69
C CYS B 134 -17.87 3.86 8.51
N LEU B 135 -18.03 5.00 7.86
CA LEU B 135 -16.94 5.68 7.18
C LEU B 135 -16.71 7.03 7.84
N MET B 136 -15.42 7.41 7.89
N MET B 136 -15.42 7.36 8.01
CA MET B 136 -14.98 8.64 8.51
CA MET B 136 -14.98 8.65 8.52
C MET B 136 -14.07 9.25 7.46
C MET B 136 -14.09 9.20 7.41
N ASN B 137 -14.64 10.11 6.61
CA ASN B 137 -13.98 10.56 5.41
C ASN B 137 -13.42 11.98 5.48
N ASN B 138 -12.21 12.11 4.90
CA ASN B 138 -11.54 13.37 4.66
C ASN B 138 -11.26 14.17 5.94
N PHE B 139 -10.49 13.56 6.84
CA PHE B 139 -10.15 14.18 8.10
C PHE B 139 -8.63 14.40 8.17
N TYR B 140 -8.27 15.29 9.10
CA TYR B 140 -6.88 15.58 9.43
C TYR B 140 -6.82 16.19 10.82
N PRO B 141 -5.89 15.81 11.72
CA PRO B 141 -4.84 14.83 11.52
C PRO B 141 -5.29 13.39 11.59
N ARG B 142 -4.30 12.49 11.44
N ARG B 142 -4.34 12.44 11.54
CA ARG B 142 -4.51 11.07 11.37
CA ARG B 142 -4.68 11.07 11.21
C ARG B 142 -5.20 10.53 12.62
C ARG B 142 -5.14 10.30 12.45
N ASP B 143 -4.87 11.13 13.76
N ASP B 143 -4.73 10.77 13.64
CA ASP B 143 -5.28 10.55 15.03
CA ASP B 143 -5.19 10.20 14.89
C ASP B 143 -6.81 10.44 15.07
C ASP B 143 -6.70 10.37 15.03
N ILE B 144 -7.33 9.22 15.30
CA ILE B 144 -8.77 9.08 15.37
C ILE B 144 -9.12 7.81 16.12
N SER B 145 -10.31 7.79 16.75
CA SER B 145 -10.74 6.55 17.35
C SER B 145 -12.24 6.43 17.17
N VAL B 146 -12.63 5.18 16.92
CA VAL B 146 -14.01 4.84 16.63
C VAL B 146 -14.45 3.71 17.56
N LYS B 147 -15.66 3.86 18.14
N LYS B 147 -15.65 3.91 18.15
CA LYS B 147 -16.20 2.81 18.98
CA LYS B 147 -16.29 2.92 19.00
C LYS B 147 -17.60 2.50 18.47
C LYS B 147 -17.59 2.50 18.33
N TRP B 148 -17.87 1.19 18.32
CA TRP B 148 -19.20 0.72 18.04
C TRP B 148 -19.96 0.46 19.35
N LYS B 149 -21.23 0.85 19.36
CA LYS B 149 -22.13 0.48 20.45
C LYS B 149 -23.38 -0.17 19.87
N ILE B 150 -23.80 -1.24 20.55
CA ILE B 150 -24.99 -1.98 20.19
C ILE B 150 -25.90 -1.96 21.41
N ASP B 151 -27.08 -1.36 21.26
CA ASP B 151 -27.97 -1.09 22.38
C ASP B 151 -27.19 -0.49 23.56
N GLY B 152 -26.32 0.49 23.26
CA GLY B 152 -25.68 1.32 24.26
C GLY B 152 -24.40 0.72 24.86
N THR B 153 -24.10 -0.54 24.52
CA THR B 153 -22.95 -1.25 25.06
C THR B 153 -21.88 -1.38 23.98
N GLU B 154 -20.65 -1.05 24.36
CA GLU B 154 -19.55 -1.10 23.43
C GLU B 154 -19.34 -2.55 22.97
N ARG B 155 -19.22 -2.72 21.66
N ARG B 155 -19.05 -2.71 21.67
CA ARG B 155 -18.86 -3.95 21.00
CA ARG B 155 -18.84 -4.00 21.03
C ARG B 155 -17.49 -3.71 20.36
C ARG B 155 -17.57 -3.97 20.17
N ARG B 156 -16.48 -4.51 20.73
CA ARG B 156 -15.21 -4.50 20.02
C ARG B 156 -15.02 -5.81 19.25
N ASP B 157 -15.81 -6.85 19.57
N ASP B 157 -15.94 -6.75 19.46
CA ASP B 157 -15.72 -8.10 18.84
CA ASP B 157 -15.87 -8.08 18.87
C ASP B 157 -16.39 -7.95 17.48
C ASP B 157 -16.48 -8.07 17.47
N GLY B 158 -15.68 -8.43 16.45
CA GLY B 158 -16.17 -8.45 15.08
C GLY B 158 -15.93 -7.11 14.35
N VAL B 159 -15.10 -6.24 14.93
CA VAL B 159 -14.79 -4.95 14.32
C VAL B 159 -13.42 -5.04 13.67
N LEU B 160 -13.37 -4.70 12.39
CA LEU B 160 -12.11 -4.41 11.71
C LEU B 160 -12.13 -3.04 11.03
N ASP B 161 -10.96 -2.44 10.85
CA ASP B 161 -10.91 -1.11 10.29
C ASP B 161 -9.65 -0.91 9.46
N SER B 162 -9.68 0.10 8.58
CA SER B 162 -8.47 0.49 7.86
C SER B 162 -8.53 1.95 7.47
N VAL B 163 -7.35 2.52 7.19
CA VAL B 163 -7.20 3.93 6.89
C VAL B 163 -6.39 4.10 5.61
N THR B 164 -6.86 5.00 4.75
CA THR B 164 -6.19 5.31 3.50
C THR B 164 -4.88 6.02 3.79
N ASP B 165 -3.98 6.02 2.78
CA ASP B 165 -2.85 6.94 2.77
C ASP B 165 -3.34 8.36 2.53
N GLN B 166 -2.52 9.38 2.81
CA GLN B 166 -2.93 10.76 2.60
C GLN B 166 -3.43 10.99 1.16
N ASP B 167 -4.53 11.71 1.01
CA ASP B 167 -5.16 11.91 -0.27
C ASP B 167 -4.26 12.78 -1.17
N SER B 168 -4.18 12.43 -2.47
CA SER B 168 -3.30 13.16 -3.36
C SER B 168 -3.79 14.58 -3.65
N LYS B 169 -5.09 14.83 -3.50
N LYS B 169 -5.08 14.84 -3.44
CA LYS B 169 -5.66 16.13 -3.83
CA LYS B 169 -5.69 16.09 -3.85
C LYS B 169 -5.81 17.01 -2.60
C LYS B 169 -5.94 17.01 -2.65
N ASP B 170 -6.25 16.44 -1.47
CA ASP B 170 -6.48 17.29 -0.30
C ASP B 170 -5.70 16.90 0.94
N SER B 171 -4.82 15.89 0.85
CA SER B 171 -3.92 15.53 1.95
C SER B 171 -4.66 15.06 3.22
N THR B 172 -5.94 14.64 3.11
CA THR B 172 -6.64 14.10 4.25
C THR B 172 -6.48 12.60 4.29
N TYR B 173 -6.98 12.04 5.40
CA TYR B 173 -7.15 10.61 5.53
C TYR B 173 -8.64 10.25 5.57
N SER B 174 -8.92 8.98 5.27
CA SER B 174 -10.25 8.43 5.43
C SER B 174 -10.14 7.06 6.11
N MET B 175 -11.14 6.70 6.92
CA MET B 175 -11.14 5.45 7.63
C MET B 175 -12.47 4.76 7.36
N SER B 176 -12.40 3.43 7.28
CA SER B 176 -13.55 2.54 7.22
C SER B 176 -13.50 1.56 8.38
N SER B 177 -14.63 1.40 9.07
CA SER B 177 -14.79 0.47 10.14
C SER B 177 -15.98 -0.43 9.85
N THR B 178 -15.79 -1.76 10.00
CA THR B 178 -16.86 -2.71 9.76
C THR B 178 -17.07 -3.57 11.00
N LEU B 179 -18.33 -3.60 11.43
CA LEU B 179 -18.83 -4.51 12.45
C LEU B 179 -19.53 -5.67 11.74
N SER B 180 -18.99 -6.88 11.90
CA SER B 180 -19.53 -8.06 11.26
C SER B 180 -20.22 -8.91 12.33
N LEU B 181 -21.41 -9.44 11.99
CA LEU B 181 -22.10 -10.30 12.91
C LEU B 181 -23.08 -11.17 12.14
N THR B 182 -23.54 -12.25 12.82
CA THR B 182 -24.58 -13.09 12.24
C THR B 182 -25.87 -12.30 12.07
N LYS B 183 -26.72 -12.80 11.18
CA LYS B 183 -28.05 -12.27 10.98
C LYS B 183 -28.82 -12.36 12.29
N ALA B 184 -28.65 -13.47 13.04
CA ALA B 184 -29.39 -13.66 14.29
C ALA B 184 -28.96 -12.63 15.33
N ASP B 185 -27.64 -12.42 15.44
CA ASP B 185 -27.09 -11.45 16.37
C ASP B 185 -27.63 -10.07 15.98
N TYR B 186 -27.55 -9.75 14.69
CA TYR B 186 -27.93 -8.44 14.19
C TYR B 186 -29.38 -8.16 14.58
N GLU B 187 -30.23 -9.17 14.36
CA GLU B 187 -31.66 -9.04 14.59
C GLU B 187 -32.03 -9.16 16.06
N SER B 188 -31.08 -9.46 16.96
CA SER B 188 -31.34 -9.54 18.40
C SER B 188 -31.10 -8.18 19.07
N HIS B 189 -30.68 -7.18 18.31
CA HIS B 189 -30.42 -5.88 18.89
C HIS B 189 -31.11 -4.81 18.06
N ASN B 190 -31.24 -3.59 18.64
CA ASN B 190 -31.97 -2.52 18.00
C ASN B 190 -31.09 -1.37 17.56
N LEU B 191 -30.31 -0.78 18.48
CA LEU B 191 -29.59 0.47 18.20
C LEU B 191 -28.13 0.17 17.86
N TYR B 192 -27.70 0.64 16.67
CA TYR B 192 -26.32 0.51 16.18
C TYR B 192 -25.75 1.91 16.04
N THR B 193 -24.64 2.16 16.75
CA THR B 193 -24.02 3.45 16.85
C THR B 193 -22.53 3.33 16.56
N CYS B 194 -22.07 4.40 15.90
N CYS B 194 -21.98 4.17 15.70
CA CYS B 194 -20.69 4.74 15.57
CA CYS B 194 -20.53 4.26 15.68
C CYS B 194 -20.36 6.10 16.19
C CYS B 194 -20.18 5.63 16.26
N GLU B 195 -19.49 6.10 17.21
N GLU B 195 -19.17 5.65 17.14
CA GLU B 195 -18.98 7.32 17.83
CA GLU B 195 -18.82 6.80 17.96
C GLU B 195 -17.59 7.58 17.26
C GLU B 195 -17.36 7.18 17.65
N VAL B 196 -17.31 8.84 16.93
N VAL B 196 -17.14 8.41 17.17
CA VAL B 196 -16.01 9.18 16.37
CA VAL B 196 -15.89 8.81 16.56
C VAL B 196 -15.33 10.19 17.30
C VAL B 196 -15.33 10.06 17.24
N VAL B 197 -14.12 9.90 17.82
CA VAL B 197 -13.35 10.90 18.56
C VAL B 197 -12.20 11.37 17.67
N HIS B 198 -12.12 12.69 17.56
CA HIS B 198 -11.10 13.34 16.74
C HIS B 198 -10.93 14.72 17.34
N MLZ B 199 -9.72 15.29 17.14
CA MLZ B 199 -9.37 16.51 17.84
CB MLZ B 199 -7.86 16.79 17.68
CG MLZ B 199 -7.42 17.13 16.27
CD MLZ B 199 -6.42 18.27 16.19
CE MLZ B 199 -5.20 18.15 17.10
NZ MLZ B 199 -4.08 18.97 16.60
CM MLZ B 199 -4.41 20.35 16.21
C MLZ B 199 -10.22 17.68 17.38
O MLZ B 199 -10.31 18.66 18.12
N THR B 200 -10.92 17.55 16.25
CA THR B 200 -11.76 18.58 15.68
C THR B 200 -13.11 18.76 16.40
N SER B 201 -13.44 17.86 17.31
CA SER B 201 -14.67 18.01 18.10
C SER B 201 -14.34 17.83 19.55
N SER B 202 -15.00 18.64 20.41
N SER B 202 -14.95 18.61 20.45
CA SER B 202 -14.73 18.61 21.84
CA SER B 202 -14.59 18.48 21.85
C SER B 202 -15.35 17.37 22.50
C SER B 202 -15.31 17.30 22.50
N SER B 203 -16.34 16.77 21.82
CA SER B 203 -16.94 15.50 22.21
C SER B 203 -17.20 14.66 20.97
N PRO B 204 -17.56 13.36 21.08
CA PRO B 204 -17.65 12.50 19.89
C PRO B 204 -18.78 12.86 18.92
N VAL B 205 -18.50 12.65 17.63
CA VAL B 205 -19.47 12.62 16.53
C VAL B 205 -20.11 11.24 16.56
N VAL B 206 -21.46 11.21 16.53
CA VAL B 206 -22.22 9.98 16.73
C VAL B 206 -23.16 9.80 15.54
N LYS B 207 -23.09 8.63 14.88
CA LYS B 207 -24.11 8.28 13.88
C LYS B 207 -24.72 6.96 14.32
N SER B 208 -26.05 6.91 14.28
CA SER B 208 -26.80 5.77 14.77
C SER B 208 -27.94 5.44 13.82
N PHE B 209 -28.35 4.16 13.86
CA PHE B 209 -29.65 3.77 13.32
C PHE B 209 -30.30 2.73 14.24
N ASN B 210 -31.65 2.71 14.17
CA ASN B 210 -32.42 1.68 14.83
C ASN B 210 -32.87 0.66 13.79
N ARG B 211 -32.47 -0.60 13.99
CA ARG B 211 -32.77 -1.69 13.05
C ARG B 211 -34.29 -1.78 12.79
N ASN B 212 -35.07 -1.41 13.81
CA ASN B 212 -36.51 -1.51 13.71
C ASN B 212 -37.10 -0.52 12.68
N GLU B 213 -36.27 0.39 12.14
N GLU B 213 -36.34 0.46 12.21
CA GLU B 213 -36.73 1.34 11.14
CA GLU B 213 -36.90 1.31 11.18
C GLU B 213 -36.32 0.89 9.73
C GLU B 213 -36.96 0.48 9.90
N CYS B 214 -35.58 -0.24 9.63
N CYS B 214 -35.84 0.36 9.19
CA CYS B 214 -34.93 -0.64 8.40
CA CYS B 214 -35.75 -0.57 8.07
C CYS B 214 -35.96 -1.26 7.46
C CYS B 214 -37.16 -0.91 7.56
C1 NAG C . 20.29 -11.17 3.07
C2 NAG C . 20.04 -9.73 3.45
C3 NAG C . 19.56 -9.58 4.90
C4 NAG C . 18.46 -10.58 5.21
C5 NAG C . 18.82 -11.96 4.74
C6 NAG C . 17.70 -12.98 4.95
C7 NAG C . 21.29 -7.87 2.54
C8 NAG C . 22.64 -7.28 2.26
N2 NAG C . 21.28 -9.01 3.20
O3 NAG C . 19.09 -8.25 5.06
O4 NAG C . 18.29 -10.69 6.63
O5 NAG C . 19.11 -11.89 3.32
O6 NAG C . 18.17 -14.29 4.81
O7 NAG C . 20.25 -7.32 2.23
C1 NAG C . 17.37 -9.86 7.24
C2 NAG C . 16.73 -10.51 8.47
C3 NAG C . 15.85 -9.49 9.16
C4 NAG C . 16.66 -8.25 9.50
C5 NAG C . 17.26 -7.69 8.22
C6 NAG C . 18.16 -6.51 8.47
C7 NAG C . 16.11 -12.88 8.38
C8 NAG C . 15.08 -13.85 7.90
N2 NAG C . 15.87 -11.60 8.08
O3 NAG C . 15.26 -10.06 10.34
O4 NAG C . 15.79 -7.25 10.08
O5 NAG C . 18.09 -8.70 7.60
O6 NAG C . 19.27 -6.90 9.29
O7 NAG C . 17.16 -13.25 8.92
C1 BMA C . 16.04 -6.97 11.42
C2 BMA C . 15.45 -5.60 11.66
C3 BMA C . 15.76 -5.19 13.10
C4 BMA C . 15.29 -6.27 14.09
C5 BMA C . 15.79 -7.65 13.69
C6 BMA C . 15.21 -8.76 14.54
O2 BMA C . 14.08 -5.65 11.31
O3 BMA C . 15.12 -3.93 13.34
O4 BMA C . 15.80 -6.00 15.41
O5 BMA C . 15.41 -7.92 12.30
O6 BMA C . 13.82 -8.56 14.76
C1 MAN C . 13.10 -9.46 15.55
C2 MAN C . 11.65 -8.99 15.54
C3 MAN C . 11.62 -7.56 16.14
C4 MAN C . 12.13 -7.62 17.58
C5 MAN C . 13.52 -8.27 17.66
C6 MAN C . 13.95 -8.55 19.10
O2 MAN C . 10.82 -9.93 16.20
O3 MAN C . 10.32 -6.97 16.04
O4 MAN C . 12.25 -6.31 18.11
O5 MAN C . 13.55 -9.53 16.94
O6 MAN C . 13.49 -9.82 19.59
C1 GOL D . -12.73 -2.08 7.02
O1 GOL D . -14.06 -1.59 6.90
C2 GOL D . -12.16 -2.52 5.68
O2 GOL D . -12.85 -3.68 5.18
C3 GOL D . -12.18 -1.44 4.60
O3 GOL D . -11.63 -1.86 3.35
C1 GOL E . 9.87 16.05 -6.74
O1 GOL E . 9.55 15.40 -5.53
C2 GOL E . 11.14 15.56 -7.37
O2 GOL E . 11.25 16.13 -8.67
C3 GOL E . 11.24 14.06 -7.49
O3 GOL E . 9.99 13.47 -7.80
C1 GOL F . 20.42 -4.91 5.70
O1 GOL F . 21.09 -6.01 5.08
C2 GOL F . 20.92 -3.57 5.20
O2 GOL F . 20.17 -3.19 4.00
C3 GOL F . 20.81 -2.53 6.31
O3 GOL F . 21.41 -1.28 6.02
C1 GOL G . 32.76 10.31 9.97
O1 GOL G . 33.75 9.78 9.10
C2 GOL G . 32.15 11.57 9.36
O2 GOL G . 31.20 11.24 8.35
C3 GOL G . 31.48 12.51 10.34
O3 GOL G . 31.35 13.78 9.72
C1 GOL H . 14.16 20.47 -14.30
O1 GOL H . 14.33 21.39 -15.37
C2 GOL H . 14.27 21.17 -12.96
O2 GOL H . 15.54 20.90 -12.39
C3 GOL H . 13.19 20.77 -11.98
O3 GOL H . 12.81 19.41 -12.16
CL CL I . 35.90 7.91 4.18
#